data_8OEP
#
_entry.id   8OEP
#
_cell.length_a   82.230
_cell.length_b   82.230
_cell.length_c   139.200
_cell.angle_alpha   90.000
_cell.angle_beta   90.000
_cell.angle_gamma   120.000
#
_symmetry.space_group_name_H-M   'P 65 2 2'
#
loop_
_entity.id
_entity.type
_entity.pdbx_description
1 polymer 'Tyrosine-protein phosphatase non-receptor type 3'
2 polymer 'Protein E6'
3 non-polymer 'SODIUM ION'
4 water water
#
loop_
_entity_poly.entity_id
_entity_poly.type
_entity_poly.pdbx_seq_one_letter_code
_entity_poly.pdbx_strand_id
1 'polypeptide(L)'
;GAMGSSTEDASQYYCDKNDNGDSYLVLIRITPDEDGKFGFNLKGGVDQKMPLVVSRINPESPADTCIPKLNEGDQIVLIN
GRDISEHTHDQVVMFIKASRESHSRELALVIRRR
;
A,C
2 'polypeptide(L)' RQERLQRRRETQV B,D
#
loop_
_chem_comp.id
_chem_comp.type
_chem_comp.name
_chem_comp.formula
NA non-polymer 'SODIUM ION' 'Na 1'
#
# COMPACT_ATOMS: atom_id res chain seq x y z
N ASP A 22 0.04 -7.97 11.89
CA ASP A 22 0.84 -6.98 12.58
C ASP A 22 1.21 -5.91 11.60
N SER A 23 1.75 -4.81 12.13
CA SER A 23 2.15 -3.70 11.31
C SER A 23 3.41 -4.02 10.51
N TYR A 24 3.60 -3.32 9.39
CA TYR A 24 4.83 -3.43 8.63
C TYR A 24 5.14 -2.07 8.03
N LEU A 25 6.39 -1.88 7.61
CA LEU A 25 6.82 -0.62 7.01
C LEU A 25 6.86 -0.70 5.48
N VAL A 26 6.62 0.43 4.82
CA VAL A 26 6.73 0.51 3.37
C VAL A 26 7.47 1.79 3.01
N LEU A 27 8.43 1.70 2.07
CA LEU A 27 9.10 2.90 1.57
C LEU A 27 8.38 3.34 0.31
N ILE A 28 7.90 4.58 0.32
CA ILE A 28 7.08 5.17 -0.73
C ILE A 28 7.85 6.35 -1.27
N ARG A 29 7.99 6.44 -2.59
CA ARG A 29 8.71 7.52 -3.25
C ARG A 29 7.79 8.19 -4.25
N ILE A 30 7.52 9.48 -4.05
CA ILE A 30 6.55 10.21 -4.84
C ILE A 30 7.24 11.42 -5.45
N THR A 31 7.03 11.63 -6.74
CA THR A 31 7.40 12.89 -7.38
C THR A 31 6.15 13.74 -7.53
N PRO A 32 6.18 15.02 -7.16
CA PRO A 32 4.98 15.86 -7.26
C PRO A 32 4.61 16.17 -8.72
N ASP A 33 3.33 16.51 -8.91
CA ASP A 33 2.86 16.81 -10.25
C ASP A 33 3.26 18.23 -10.64
N GLU A 34 2.70 18.72 -11.76
CA GLU A 34 3.07 20.02 -12.31
C GLU A 34 2.69 21.18 -11.40
N ASP A 35 1.70 21.00 -10.53
CA ASP A 35 1.29 22.03 -9.59
C ASP A 35 1.99 21.93 -8.25
N GLY A 36 3.00 21.07 -8.13
CA GLY A 36 3.72 20.90 -6.88
C GLY A 36 2.98 20.08 -5.85
N LYS A 37 1.98 19.31 -6.25
CA LYS A 37 1.13 18.56 -5.33
C LYS A 37 1.48 17.08 -5.41
N PHE A 38 1.41 16.41 -4.27
CA PHE A 38 1.60 14.96 -4.20
C PHE A 38 0.28 14.18 -4.24
N GLY A 39 -0.83 14.80 -3.84
CA GLY A 39 -2.13 14.18 -3.96
C GLY A 39 -2.62 13.44 -2.73
N PHE A 40 -2.29 13.89 -1.52
CA PHE A 40 -2.84 13.24 -0.34
C PHE A 40 -3.08 14.28 0.73
N ASN A 41 -3.95 13.95 1.68
CA ASN A 41 -4.20 14.80 2.83
C ASN A 41 -3.51 14.24 4.06
N LEU A 42 -3.07 15.12 4.95
CA LEU A 42 -2.38 14.73 6.15
C LEU A 42 -3.16 15.20 7.36
N LYS A 43 -3.29 14.33 8.36
CA LYS A 43 -3.64 14.77 9.71
C LYS A 43 -2.51 14.39 10.65
N GLY A 44 -2.48 15.05 11.80
CA GLY A 44 -1.62 14.64 12.89
C GLY A 44 -0.44 15.56 13.10
N GLY A 45 0.37 15.14 14.07
CA GLY A 45 1.47 15.94 14.57
C GLY A 45 1.44 16.07 16.08
N VAL A 46 2.56 16.46 16.65
CA VAL A 46 2.70 16.48 18.11
C VAL A 46 1.65 17.40 18.74
N ASP A 47 1.30 18.48 18.06
CA ASP A 47 0.30 19.42 18.56
C ASP A 47 -1.11 18.91 18.38
N GLN A 48 -1.30 17.88 17.55
CA GLN A 48 -2.60 17.29 17.31
C GLN A 48 -2.86 16.06 18.17
N LYS A 49 -1.91 15.66 19.02
CA LYS A 49 -2.09 14.49 19.89
C LYS A 49 -2.45 13.24 19.09
N MET A 50 -1.78 13.07 17.96
CA MET A 50 -1.99 11.92 17.09
C MET A 50 -0.82 11.79 16.15
N PRO A 51 -0.47 10.57 15.74
CA PRO A 51 0.59 10.39 14.75
C PRO A 51 0.21 11.02 13.43
N LEU A 52 1.19 11.12 12.55
CA LEU A 52 0.96 11.59 11.19
C LEU A 52 0.25 10.51 10.39
N VAL A 53 -0.96 10.81 9.91
CA VAL A 53 -1.80 9.81 9.25
C VAL A 53 -2.29 10.36 7.92
N VAL A 54 -2.24 9.54 6.88
CA VAL A 54 -2.78 9.91 5.57
C VAL A 54 -4.30 9.76 5.64
N SER A 55 -5.00 10.89 5.54
CA SER A 55 -6.45 10.90 5.67
C SER A 55 -7.20 10.81 4.35
N ARG A 56 -6.51 11.03 3.22
CA ARG A 56 -7.19 10.94 1.93
C ARG A 56 -6.14 10.76 0.85
N ILE A 57 -6.46 9.94 -0.17
CA ILE A 57 -5.65 9.86 -1.37
C ILE A 57 -6.49 10.39 -2.53
N ASN A 58 -5.94 11.35 -3.26
CA ASN A 58 -6.62 11.86 -4.45
C ASN A 58 -6.45 10.84 -5.59
N PRO A 59 -7.54 10.29 -6.13
CA PRO A 59 -7.38 9.18 -7.09
C PRO A 59 -6.63 9.62 -8.34
N GLU A 60 -5.71 8.75 -8.77
CA GLU A 60 -4.88 8.93 -9.97
C GLU A 60 -3.82 10.01 -9.79
N SER A 61 -3.66 10.57 -8.60
CA SER A 61 -2.58 11.50 -8.30
C SER A 61 -1.24 10.77 -8.16
N PRO A 62 -0.13 11.51 -7.98
CA PRO A 62 1.17 10.84 -7.78
C PRO A 62 1.20 9.87 -6.62
N ALA A 63 0.57 10.21 -5.49
CA ALA A 63 0.55 9.31 -4.34
C ALA A 63 -0.24 8.04 -4.61
N ASP A 64 -1.20 8.10 -5.54
CA ASP A 64 -2.05 6.98 -5.92
C ASP A 64 -1.46 6.11 -7.03
N THR A 65 -0.49 6.62 -7.78
CA THR A 65 0.04 5.86 -8.92
C THR A 65 1.52 5.48 -8.79
N CYS A 66 2.17 5.82 -7.68
CA CYS A 66 3.53 5.30 -7.51
C CYS A 66 3.48 3.84 -7.08
N ILE A 67 4.60 3.15 -7.24
CA ILE A 67 4.71 1.72 -6.88
C ILE A 67 5.85 1.54 -5.89
N PRO A 68 5.59 1.16 -4.64
CA PRO A 68 4.27 0.92 -4.04
C PRO A 68 3.53 2.24 -3.86
N LYS A 69 2.21 2.18 -3.89
CA LYS A 69 1.39 3.36 -3.74
C LYS A 69 1.16 3.68 -2.27
N LEU A 70 0.89 4.97 -2.01
CA LEU A 70 0.46 5.40 -0.69
C LEU A 70 -0.99 4.98 -0.49
N ASN A 71 -1.36 4.67 0.76
CA ASN A 71 -2.72 4.30 1.12
C ASN A 71 -3.25 5.24 2.18
N GLU A 72 -4.54 5.53 2.09
CA GLU A 72 -5.25 6.16 3.19
C GLU A 72 -5.07 5.31 4.45
N GLY A 73 -4.87 5.98 5.58
CA GLY A 73 -4.64 5.31 6.84
C GLY A 73 -3.19 5.03 7.16
N ASP A 74 -2.30 5.19 6.17
CA ASP A 74 -0.88 5.01 6.42
C ASP A 74 -0.40 6.02 7.44
N GLN A 75 0.48 5.57 8.34
CA GLN A 75 1.11 6.45 9.31
C GLN A 75 2.53 6.77 8.84
N ILE A 76 2.86 8.06 8.72
CA ILE A 76 4.17 8.46 8.20
C ILE A 76 5.16 8.49 9.36
N VAL A 77 6.28 7.78 9.23
CA VAL A 77 7.27 7.75 10.31
C VAL A 77 8.61 8.35 9.94
N LEU A 78 8.94 8.49 8.66
CA LEU A 78 10.21 9.09 8.23
C LEU A 78 9.94 9.90 6.97
N ILE A 79 10.51 11.10 6.88
CA ILE A 79 10.32 11.95 5.71
C ILE A 79 11.67 12.36 5.18
N ASN A 80 12.05 11.83 4.03
CA ASN A 80 13.36 12.08 3.44
C ASN A 80 14.47 11.90 4.46
N GLY A 81 14.38 10.79 5.19
CA GLY A 81 15.40 10.41 6.15
C GLY A 81 15.24 11.02 7.53
N ARG A 82 14.27 11.91 7.73
CA ARG A 82 14.10 12.65 8.98
C ARG A 82 13.02 12.00 9.85
N ASP A 83 13.36 11.76 11.13
CA ASP A 83 12.39 11.33 12.13
C ASP A 83 11.48 12.51 12.52
N ILE A 84 10.17 12.29 12.50
CA ILE A 84 9.23 13.39 12.71
C ILE A 84 8.43 13.24 14.01
N SER A 85 8.89 12.39 14.94
CA SER A 85 8.08 12.02 16.09
C SER A 85 7.79 13.18 17.05
N GLU A 86 8.59 14.26 17.04
CA GLU A 86 8.30 15.38 17.94
C GLU A 86 7.97 16.65 17.17
N HIS A 87 7.61 16.55 15.89
CA HIS A 87 7.33 17.74 15.08
C HIS A 87 5.84 18.01 14.97
N THR A 88 5.51 19.29 14.82
CA THR A 88 4.12 19.70 14.69
C THR A 88 3.59 19.45 13.29
N HIS A 89 2.27 19.51 13.17
CA HIS A 89 1.61 19.40 11.87
C HIS A 89 2.21 20.37 10.86
N ASP A 90 2.32 21.65 11.24
CA ASP A 90 2.87 22.63 10.29
C ASP A 90 4.33 22.34 9.94
N GLN A 91 5.12 21.89 10.92
CA GLN A 91 6.50 21.56 10.62
C GLN A 91 6.56 20.40 9.63
N VAL A 92 5.72 19.39 9.84
CA VAL A 92 5.72 18.27 8.91
C VAL A 92 5.32 18.71 7.51
N VAL A 93 4.28 19.54 7.41
CA VAL A 93 3.87 20.02 6.10
C VAL A 93 5.02 20.75 5.43
N MET A 94 5.82 21.47 6.22
CA MET A 94 6.97 22.18 5.68
C MET A 94 7.99 21.20 5.12
N PHE A 95 8.21 20.10 5.84
CA PHE A 95 9.15 19.10 5.37
C PHE A 95 8.70 18.50 4.05
N ILE A 96 7.40 18.26 3.90
CA ILE A 96 6.91 17.62 2.68
C ILE A 96 7.06 18.56 1.49
N LYS A 97 6.64 19.81 1.65
CA LYS A 97 6.81 20.77 0.58
C LYS A 97 8.28 20.98 0.24
N ALA A 98 9.16 20.88 1.23
CA ALA A 98 10.58 21.11 0.99
C ALA A 98 11.17 20.01 0.13
N SER A 99 10.56 18.83 0.12
CA SER A 99 11.07 17.76 -0.74
C SER A 99 11.03 18.18 -2.19
N ARG A 100 10.10 19.06 -2.56
CA ARG A 100 9.95 19.53 -3.92
C ARG A 100 11.09 20.42 -4.38
N GLU A 101 11.99 20.82 -3.49
CA GLU A 101 13.09 21.69 -3.88
C GLU A 101 14.40 20.91 -3.99
N SER A 102 14.34 19.58 -3.93
CA SER A 102 15.54 18.74 -3.89
C SER A 102 16.04 18.42 -5.29
N HIS A 103 16.98 17.47 -5.36
CA HIS A 103 17.92 17.79 -6.40
C HIS A 103 17.09 17.22 -7.56
N SER A 104 16.49 16.03 -7.25
CA SER A 104 15.42 15.27 -7.92
C SER A 104 14.01 15.70 -7.54
N ARG A 105 13.85 16.42 -6.43
CA ARG A 105 12.55 16.85 -5.89
C ARG A 105 11.56 15.68 -5.79
N GLU A 106 11.99 14.68 -5.00
CA GLU A 106 11.27 13.45 -4.69
C GLU A 106 10.99 13.36 -3.21
N LEU A 107 9.77 12.96 -2.84
CA LEU A 107 9.40 12.78 -1.44
C LEU A 107 9.52 11.30 -1.13
N ALA A 108 10.39 10.95 -0.17
CA ALA A 108 10.60 9.56 0.26
C ALA A 108 10.01 9.41 1.66
N LEU A 109 8.90 8.68 1.76
CA LEU A 109 8.24 8.41 3.02
C LEU A 109 8.50 6.96 3.43
N VAL A 110 8.83 6.74 4.69
CA VAL A 110 8.65 5.43 5.31
C VAL A 110 7.34 5.50 6.06
N ILE A 111 6.39 4.64 5.71
CA ILE A 111 5.10 4.59 6.38
C ILE A 111 4.95 3.25 7.08
N ARG A 112 4.03 3.22 8.04
CA ARG A 112 3.60 2.01 8.74
C ARG A 112 2.16 1.71 8.39
N ARG A 113 1.91 0.45 8.03
CA ARG A 113 0.64 -0.02 7.52
C ARG A 113 0.30 -1.33 8.22
N ARG A 114 -1.00 -1.61 8.36
CA ARG A 114 -1.50 -2.95 8.74
C ARG A 114 -2.13 -3.71 7.58
N GLU B 3 -7.92 14.66 28.29
CA GLU B 3 -8.32 15.88 29.00
C GLU B 3 -9.12 16.85 28.10
N ARG B 4 -8.67 17.04 26.86
CA ARG B 4 -9.25 18.01 25.94
C ARG B 4 -8.71 17.74 24.53
N LEU B 5 -9.48 18.10 23.52
CA LEU B 5 -9.09 17.85 22.12
C LEU B 5 -9.80 18.83 21.20
N GLN B 6 -9.05 19.75 20.60
CA GLN B 6 -9.62 20.64 19.60
C GLN B 6 -9.84 19.88 18.29
N ARG B 7 -10.61 20.50 17.39
CA ARG B 7 -10.77 19.93 16.06
C ARG B 7 -9.41 19.83 15.37
N ARG B 8 -9.16 18.69 14.74
CA ARG B 8 -7.85 18.48 14.16
C ARG B 8 -7.75 19.06 12.77
N ARG B 9 -6.57 19.62 12.46
CA ARG B 9 -6.33 20.19 11.15
C ARG B 9 -5.98 19.11 10.15
N GLU B 10 -6.39 19.34 8.91
CA GLU B 10 -6.10 18.45 7.79
C GLU B 10 -5.52 19.30 6.67
N THR B 11 -4.41 18.87 6.08
CA THR B 11 -3.78 19.69 5.04
C THR B 11 -3.61 18.86 3.78
N GLN B 12 -3.92 19.47 2.63
CA GLN B 12 -3.69 18.83 1.34
C GLN B 12 -2.28 19.16 0.85
N VAL B 13 -1.55 18.14 0.41
CA VAL B 13 -0.22 18.38 -0.13
C VAL B 13 -0.03 17.67 -1.47
N SER C 23 8.06 -8.77 -19.85
CA SER C 23 7.03 -8.77 -18.82
C SER C 23 6.58 -7.36 -18.38
N TYR C 24 5.41 -7.27 -17.78
CA TYR C 24 4.88 -6.00 -17.29
C TYR C 24 4.17 -6.13 -15.96
N LEU C 25 3.99 -4.99 -15.30
CA LEU C 25 3.28 -4.93 -14.05
C LEU C 25 1.80 -4.61 -14.26
N VAL C 26 0.97 -5.17 -13.41
CA VAL C 26 -0.46 -4.93 -13.37
C VAL C 26 -0.84 -4.67 -11.92
N LEU C 27 -1.63 -3.63 -11.67
CA LEU C 27 -2.14 -3.32 -10.34
C LEU C 27 -3.55 -3.84 -10.21
N ILE C 28 -3.79 -4.72 -9.24
CA ILE C 28 -5.07 -5.38 -9.06
C ILE C 28 -5.58 -5.17 -7.63
N ARG C 29 -6.83 -4.73 -7.50
CA ARG C 29 -7.46 -4.50 -6.20
C ARG C 29 -8.70 -5.39 -6.12
N ILE C 30 -8.73 -6.27 -5.12
CA ILE C 30 -9.80 -7.25 -4.98
C ILE C 30 -10.47 -7.06 -3.63
N THR C 31 -11.79 -7.00 -3.64
CA THR C 31 -12.57 -7.01 -2.41
C THR C 31 -13.08 -8.43 -2.15
N PRO C 32 -12.89 -8.97 -0.94
CA PRO C 32 -13.32 -10.35 -0.68
C PRO C 32 -14.84 -10.46 -0.62
N ASP C 33 -15.34 -11.66 -0.88
CA ASP C 33 -16.79 -11.87 -0.84
C ASP C 33 -17.22 -12.00 0.62
N GLU C 34 -18.50 -12.37 0.80
CA GLU C 34 -19.10 -12.48 2.13
C GLU C 34 -18.51 -13.62 2.96
N ASP C 35 -17.90 -14.61 2.31
CA ASP C 35 -17.24 -15.71 2.99
C ASP C 35 -15.75 -15.46 3.20
N GLY C 36 -15.29 -14.24 2.93
CA GLY C 36 -13.88 -13.89 3.10
C GLY C 36 -12.96 -14.40 2.03
N LYS C 37 -13.48 -14.77 0.87
CA LYS C 37 -12.70 -15.40 -0.18
C LYS C 37 -12.47 -14.43 -1.33
N PHE C 38 -11.29 -14.53 -1.94
CA PHE C 38 -10.99 -13.76 -3.14
C PHE C 38 -11.24 -14.54 -4.42
N GLY C 39 -11.12 -15.86 -4.39
CA GLY C 39 -11.44 -16.68 -5.55
C GLY C 39 -10.27 -17.02 -6.44
N PHE C 40 -9.10 -17.24 -5.85
CA PHE C 40 -7.96 -17.71 -6.63
C PHE C 40 -7.11 -18.64 -5.77
N ASN C 41 -6.32 -19.48 -6.43
CA ASN C 41 -5.33 -20.34 -5.81
C ASN C 41 -3.93 -19.84 -6.11
N LEU C 42 -3.03 -20.06 -5.17
CA LEU C 42 -1.63 -19.71 -5.37
C LEU C 42 -0.75 -20.93 -5.12
N LYS C 43 0.32 -21.03 -5.90
CA LYS C 43 1.41 -21.95 -5.63
C LYS C 43 2.69 -21.16 -5.42
N GLY C 44 3.69 -21.80 -4.84
CA GLY C 44 5.01 -21.18 -4.78
C GLY C 44 5.30 -20.61 -3.40
N GLY C 45 6.46 -19.94 -3.34
CA GLY C 45 7.03 -19.47 -2.09
C GLY C 45 8.45 -19.98 -1.99
N VAL C 46 9.29 -19.35 -1.15
CA VAL C 46 10.71 -19.73 -1.10
C VAL C 46 10.87 -21.16 -0.64
N ASP C 47 9.95 -21.65 0.20
CA ASP C 47 10.06 -23.02 0.65
C ASP C 47 9.66 -24.00 -0.44
N GLN C 48 8.97 -23.52 -1.47
CA GLN C 48 8.59 -24.33 -2.61
C GLN C 48 9.59 -24.26 -3.75
N LYS C 49 10.61 -23.41 -3.64
CA LYS C 49 11.59 -23.22 -4.71
C LYS C 49 10.90 -22.96 -6.04
N MET C 50 9.89 -22.06 -6.01
CA MET C 50 9.07 -21.69 -7.16
C MET C 50 8.56 -20.29 -6.90
N PRO C 51 8.44 -19.44 -7.91
CA PRO C 51 7.88 -18.12 -7.66
C PRO C 51 6.42 -18.22 -7.23
N LEU C 52 5.98 -17.19 -6.53
CA LEU C 52 4.61 -17.11 -6.04
C LEU C 52 3.72 -16.77 -7.24
N VAL C 53 2.83 -17.70 -7.61
CA VAL C 53 2.07 -17.58 -8.84
C VAL C 53 0.61 -17.92 -8.60
N VAL C 54 -0.28 -17.22 -9.30
CA VAL C 54 -1.70 -17.54 -9.28
C VAL C 54 -1.91 -18.78 -10.15
N SER C 55 -2.35 -19.87 -9.53
CA SER C 55 -2.52 -21.13 -10.25
C SER C 55 -3.95 -21.38 -10.73
N ARG C 56 -4.93 -20.64 -10.21
CA ARG C 56 -6.31 -20.85 -10.64
C ARG C 56 -7.14 -19.62 -10.29
N ILE C 57 -8.06 -19.28 -11.19
CA ILE C 57 -9.08 -18.26 -10.97
C ILE C 57 -10.44 -18.95 -10.92
N ASN C 58 -11.18 -18.71 -9.85
CA ASN C 58 -12.54 -19.21 -9.72
C ASN C 58 -13.48 -18.36 -10.57
N PRO C 59 -14.24 -18.95 -11.49
CA PRO C 59 -15.05 -18.14 -12.40
C PRO C 59 -16.09 -17.33 -11.63
N GLU C 60 -16.21 -16.06 -12.01
CA GLU C 60 -17.17 -15.09 -11.47
C GLU C 60 -16.87 -14.71 -10.03
N SER C 61 -15.76 -15.15 -9.47
CA SER C 61 -15.35 -14.76 -8.13
C SER C 61 -14.85 -13.32 -8.17
N PRO C 62 -14.55 -12.72 -7.01
CA PRO C 62 -13.98 -11.36 -7.02
C PRO C 62 -12.71 -11.23 -7.86
N ALA C 63 -11.84 -12.23 -7.83
CA ALA C 63 -10.61 -12.17 -8.63
C ALA C 63 -10.91 -12.16 -10.14
N ASP C 64 -12.04 -12.75 -10.55
CA ASP C 64 -12.42 -12.79 -11.96
C ASP C 64 -13.20 -11.56 -12.41
N THR C 65 -13.76 -10.80 -11.47
CA THR C 65 -14.63 -9.68 -11.81
C THR C 65 -14.07 -8.33 -11.40
N CYS C 66 -12.87 -8.27 -10.85
CA CYS C 66 -12.24 -6.97 -10.60
C CYS C 66 -11.65 -6.40 -11.89
N ILE C 67 -11.38 -5.10 -11.89
CA ILE C 67 -10.88 -4.41 -13.08
C ILE C 67 -9.58 -3.68 -12.77
N PRO C 68 -8.45 -4.11 -13.36
CA PRO C 68 -8.26 -5.26 -14.27
C PRO C 68 -8.41 -6.60 -13.55
N LYS C 69 -8.75 -7.68 -14.26
CA LYS C 69 -8.93 -8.96 -13.60
C LYS C 69 -7.59 -9.63 -13.38
N LEU C 70 -7.57 -10.55 -12.41
CA LEU C 70 -6.41 -11.40 -12.16
C LEU C 70 -6.40 -12.52 -13.20
N ASN C 71 -5.19 -12.95 -13.60
CA ASN C 71 -5.03 -14.03 -14.56
C ASN C 71 -4.28 -15.20 -13.93
N GLU C 72 -4.64 -16.42 -14.32
CA GLU C 72 -3.78 -17.57 -14.02
C GLU C 72 -2.38 -17.28 -14.55
N GLY C 73 -1.36 -17.68 -13.79
CA GLY C 73 0.00 -17.44 -14.20
C GLY C 73 0.57 -16.10 -13.77
N ASP C 74 -0.26 -15.19 -13.27
CA ASP C 74 0.27 -13.94 -12.75
C ASP C 74 1.22 -14.23 -11.60
N GLN C 75 2.33 -13.51 -11.57
CA GLN C 75 3.31 -13.63 -10.50
C GLN C 75 3.13 -12.48 -9.52
N ILE C 76 2.92 -12.80 -8.25
CA ILE C 76 2.66 -11.78 -7.22
C ILE C 76 3.98 -11.18 -6.77
N VAL C 77 4.08 -9.84 -6.81
CA VAL C 77 5.29 -9.11 -6.44
C VAL C 77 5.12 -8.37 -5.11
N LEU C 78 3.98 -7.74 -4.92
CA LEU C 78 3.67 -6.99 -3.70
C LEU C 78 2.27 -7.33 -3.27
N ILE C 79 2.08 -7.44 -1.95
CA ILE C 79 0.80 -7.65 -1.35
C ILE C 79 0.58 -6.49 -0.37
N ASN C 80 -0.37 -5.61 -0.69
CA ASN C 80 -0.61 -4.39 0.09
C ASN C 80 0.71 -3.68 0.40
N GLY C 81 1.52 -3.53 -0.63
CA GLY C 81 2.78 -2.81 -0.58
C GLY C 81 3.96 -3.61 -0.08
N ARG C 82 3.74 -4.83 0.39
CA ARG C 82 4.81 -5.60 1.00
C ARG C 82 5.45 -6.48 -0.07
N ASP C 83 6.77 -6.39 -0.20
CA ASP C 83 7.49 -7.27 -1.12
C ASP C 83 7.56 -8.66 -0.52
N ILE C 84 7.16 -9.68 -1.28
CA ILE C 84 7.03 -11.02 -0.72
C ILE C 84 8.08 -11.97 -1.30
N SER C 85 9.13 -11.45 -1.92
CA SER C 85 10.03 -12.28 -2.73
C SER C 85 10.75 -13.36 -1.92
N GLU C 86 10.95 -13.15 -0.62
CA GLU C 86 11.67 -14.14 0.18
C GLU C 86 10.78 -14.80 1.22
N HIS C 87 9.46 -14.70 1.07
CA HIS C 87 8.56 -15.29 2.05
C HIS C 87 8.07 -16.66 1.61
N THR C 88 7.74 -17.47 2.62
CA THR C 88 7.24 -18.82 2.37
C THR C 88 5.79 -18.81 1.89
N HIS C 89 5.36 -19.97 1.38
CA HIS C 89 3.97 -20.16 0.99
C HIS C 89 3.03 -19.77 2.12
N ASP C 90 3.27 -20.30 3.32
CA ASP C 90 2.37 -20.04 4.44
C ASP C 90 2.37 -18.57 4.82
N GLN C 91 3.53 -17.93 4.74
CA GLN C 91 3.60 -16.50 5.04
C GLN C 91 2.78 -15.70 4.05
N VAL C 92 2.88 -16.04 2.76
CA VAL C 92 2.12 -15.31 1.75
C VAL C 92 0.64 -15.47 1.98
N VAL C 93 0.21 -16.70 2.31
CA VAL C 93 -1.20 -16.91 2.60
C VAL C 93 -1.62 -16.05 3.79
N MET C 94 -0.75 -15.95 4.81
CA MET C 94 -1.09 -15.13 5.97
C MET C 94 -1.26 -13.67 5.57
N PHE C 95 -0.40 -13.19 4.68
CA PHE C 95 -0.51 -11.81 4.24
C PHE C 95 -1.83 -11.56 3.49
N ILE C 96 -2.32 -12.52 2.69
CA ILE C 96 -3.53 -12.30 1.90
C ILE C 96 -4.75 -12.25 2.80
N LYS C 97 -4.87 -13.27 3.67
CA LYS C 97 -5.78 -13.32 4.80
C LYS C 97 -5.86 -12.00 5.52
N ALA C 98 -4.70 -11.42 5.83
CA ALA C 98 -4.61 -10.23 6.65
C ALA C 98 -5.07 -9.00 5.89
N SER C 99 -4.98 -9.02 4.56
CA SER C 99 -5.41 -7.85 3.79
C SER C 99 -6.89 -7.56 4.01
N ARG C 100 -7.68 -8.57 4.41
CA ARG C 100 -9.11 -8.40 4.61
C ARG C 100 -9.43 -7.51 5.80
N GLU C 101 -8.48 -7.31 6.72
CA GLU C 101 -8.65 -6.43 7.86
C GLU C 101 -7.84 -5.14 7.71
N SER C 102 -7.35 -4.85 6.51
CA SER C 102 -6.58 -3.65 6.36
C SER C 102 -7.53 -2.46 6.30
N HIS C 103 -6.98 -1.26 6.14
CA HIS C 103 -7.77 -0.06 6.31
C HIS C 103 -8.83 0.04 5.21
N SER C 104 -8.44 -0.26 3.98
CA SER C 104 -9.35 -0.36 2.85
C SER C 104 -10.09 -1.70 2.78
N ARG C 105 -9.69 -2.71 3.56
CA ARG C 105 -10.29 -4.05 3.50
C ARG C 105 -10.29 -4.55 2.07
N GLU C 106 -9.21 -4.27 1.38
CA GLU C 106 -8.96 -4.64 -0.01
CA GLU C 106 -9.00 -4.72 0.01
C GLU C 106 -7.62 -5.34 -0.09
N LEU C 107 -7.52 -6.35 -0.95
CA LEU C 107 -6.23 -6.93 -1.29
C LEU C 107 -5.69 -6.18 -2.50
N ALA C 108 -4.54 -5.55 -2.35
CA ALA C 108 -3.91 -4.77 -3.42
C ALA C 108 -2.67 -5.52 -3.84
N LEU C 109 -2.72 -6.12 -5.04
CA LEU C 109 -1.60 -6.85 -5.61
C LEU C 109 -0.90 -6.02 -6.67
N VAL C 110 0.42 -6.06 -6.66
CA VAL C 110 1.23 -5.76 -7.83
C VAL C 110 1.67 -7.10 -8.38
N ILE C 111 1.28 -7.40 -9.62
CA ILE C 111 1.69 -8.66 -10.25
C ILE C 111 2.49 -8.38 -11.52
N ARG C 112 3.22 -9.41 -11.97
CA ARG C 112 3.94 -9.44 -13.23
C ARG C 112 3.34 -10.52 -14.13
N ARG C 113 3.10 -10.17 -15.40
CA ARG C 113 2.45 -10.99 -16.43
C ARG C 113 3.45 -10.91 -17.60
N ARG C 114 3.66 -11.83 -18.56
CA ARG C 114 4.53 -11.06 -19.41
C ARG C 114 3.33 -10.67 -20.07
N ARG D 8 4.47 -28.22 -5.35
CA ARG D 8 3.54 -29.15 -4.72
C ARG D 8 2.39 -28.46 -3.96
N ARG D 9 2.70 -27.56 -3.04
CA ARG D 9 1.67 -26.92 -2.24
C ARG D 9 0.87 -25.91 -3.07
N GLU D 10 -0.46 -25.92 -2.87
CA GLU D 10 -1.38 -25.01 -3.53
C GLU D 10 -2.49 -24.67 -2.55
N THR D 11 -2.85 -23.39 -2.45
CA THR D 11 -3.84 -22.95 -1.47
C THR D 11 -4.94 -22.13 -2.14
N GLN D 12 -6.18 -22.43 -1.76
CA GLN D 12 -7.35 -21.65 -2.15
C GLN D 12 -7.51 -20.45 -1.22
N VAL D 13 -7.60 -19.24 -1.80
CA VAL D 13 -7.88 -18.04 -1.01
C VAL D 13 -9.07 -17.22 -1.55
NA NA E . 4.67 13.87 14.74
#